data_1NW5
#
_entry.id   1NW5
#
_cell.length_a   70.360
_cell.length_b   129.060
_cell.length_c   67.110
_cell.angle_alpha   90.00
_cell.angle_beta   90.00
_cell.angle_gamma   90.00
#
_symmetry.space_group_name_H-M   'C 2 2 21'
#
loop_
_entity.id
_entity.type
_entity.pdbx_description
1 polymer 'MODIFICATION METHYLASE RSRI'
2 non-polymer 'CHLORIDE ION'
3 non-polymer S-ADENOSYLMETHIONINE
4 water water
#
_entity_poly.entity_id   1
_entity_poly.type   'polypeptide(L)'
_entity_poly.pdbx_seq_one_letter_code
;MANRSHHNAGHRAMNALRKSGQKHSSESQLGSSEIGTTRHVYDVCDCLDTLAKLPDDSVQLIICDPPYNIMLADWDDHMD
YIGWAKRWLAEAERVLSPTGSIAIFGGLQYQGEAGSGDLISIISHMRQNSKMLLANLIIWNYPNGMSAQRFFANRHEEIA
WFAKTKKYFFDLDAVREPYDEETKAAYMKDKRLNPESVEKGRNPTNVWRMSRLNGNSLERVGHPTQKPAAVIERLVRALS
HPGSTVLDFFAGSGVTARVAIQEGRNSICTDAAPVFKEYYQKQLTFLQDDGLIDKARSYEIVEGAANFGAALQRGDVAS
;
_entity_poly.pdbx_strand_id   A
#
# COMPACT_ATOMS: atom_id res chain seq x y z
N GLY A 36 13.39 -10.64 17.38
CA GLY A 36 12.73 -9.50 16.68
C GLY A 36 11.22 -9.62 16.69
N THR A 37 10.63 -9.48 17.88
CA THR A 37 9.18 -9.58 18.04
C THR A 37 8.50 -8.29 17.57
N THR A 38 7.62 -8.40 16.59
CA THR A 38 6.90 -7.25 16.07
C THR A 38 5.56 -7.06 16.76
N ARG A 39 5.03 -5.86 16.67
CA ARG A 39 3.74 -5.57 17.28
C ARG A 39 2.78 -5.01 16.25
N HIS A 40 1.51 -5.41 16.38
CA HIS A 40 0.47 -5.02 15.45
C HIS A 40 -0.79 -4.61 16.19
N VAL A 41 -1.22 -3.38 15.92
CA VAL A 41 -2.42 -2.85 16.54
C VAL A 41 -3.49 -2.65 15.50
N TYR A 42 -4.73 -3.01 15.84
CA TYR A 42 -5.83 -2.84 14.91
C TYR A 42 -7.03 -2.29 15.64
N ASP A 43 -7.94 -1.68 14.88
CA ASP A 43 -9.16 -1.14 15.46
C ASP A 43 -10.09 -0.65 14.37
N VAL A 44 -11.34 -0.42 14.76
CA VAL A 44 -12.33 0.07 13.84
C VAL A 44 -12.58 1.53 14.14
N CYS A 45 -12.31 2.36 13.15
CA CYS A 45 -12.51 3.80 13.31
C CYS A 45 -12.22 4.53 12.02
N ASP A 46 -12.62 5.80 12.00
CA ASP A 46 -12.41 6.66 10.86
C ASP A 46 -10.92 6.94 10.69
N CYS A 47 -10.48 7.09 9.45
CA CYS A 47 -9.07 7.33 9.14
C CYS A 47 -8.51 8.59 9.81
N LEU A 48 -9.30 9.64 9.91
CA LEU A 48 -8.82 10.87 10.53
C LEU A 48 -8.65 10.69 12.04
N ASP A 49 -9.49 9.86 12.66
CA ASP A 49 -9.38 9.61 14.09
C ASP A 49 -8.13 8.79 14.38
N THR A 50 -7.75 7.93 13.44
CA THR A 50 -6.53 7.13 13.59
C THR A 50 -5.31 8.04 13.46
N LEU A 51 -5.27 8.78 12.36
CA LEU A 51 -4.15 9.66 12.06
C LEU A 51 -3.94 10.72 13.13
N ALA A 52 -5.03 11.24 13.69
CA ALA A 52 -4.95 12.27 14.71
C ALA A 52 -4.24 11.76 15.96
N LYS A 53 -4.31 10.46 16.22
CA LYS A 53 -3.65 9.89 17.39
C LYS A 53 -2.20 9.48 17.15
N LEU A 54 -1.72 9.70 15.93
CA LEU A 54 -0.33 9.35 15.59
C LEU A 54 0.54 10.59 15.55
N PRO A 55 1.71 10.54 16.22
CA PRO A 55 2.66 11.66 16.26
C PRO A 55 3.38 11.87 14.92
N ASP A 56 3.96 13.06 14.75
CA ASP A 56 4.69 13.43 13.54
C ASP A 56 5.87 12.50 13.30
N ASP A 57 6.15 12.24 12.03
CA ASP A 57 7.29 11.41 11.60
C ASP A 57 7.45 10.11 12.38
N SER A 58 6.35 9.43 12.68
CA SER A 58 6.41 8.19 13.45
C SER A 58 6.24 6.93 12.60
N VAL A 59 5.79 7.10 11.37
CA VAL A 59 5.53 5.97 10.48
C VAL A 59 6.50 5.90 9.30
N GLN A 60 6.92 4.68 8.95
CA GLN A 60 7.85 4.50 7.84
C GLN A 60 7.12 4.31 6.49
N LEU A 61 6.03 3.53 6.48
CA LEU A 61 5.30 3.28 5.25
C LEU A 61 3.79 3.23 5.43
N ILE A 62 3.08 3.86 4.50
CA ILE A 62 1.64 3.85 4.53
C ILE A 62 1.10 3.14 3.29
N ILE A 63 0.28 2.12 3.50
CA ILE A 63 -0.38 1.39 2.42
C ILE A 63 -1.74 2.06 2.33
N CYS A 64 -2.04 2.63 1.17
CA CYS A 64 -3.28 3.37 1.02
C CYS A 64 -4.11 2.96 -0.18
N ASP A 65 -5.24 2.31 0.08
CA ASP A 65 -6.19 1.85 -0.93
C ASP A 65 -7.55 2.37 -0.47
N PRO A 66 -7.76 3.70 -0.62
CA PRO A 66 -8.94 4.48 -0.24
C PRO A 66 -10.18 4.32 -1.07
N PRO A 67 -11.32 4.70 -0.49
CA PRO A 67 -12.57 4.61 -1.25
C PRO A 67 -12.47 5.79 -2.19
N TYR A 68 -13.10 5.74 -3.35
CA TYR A 68 -12.97 6.87 -4.26
C TYR A 68 -14.25 7.66 -4.42
N ASN A 69 -15.02 7.71 -3.35
CA ASN A 69 -16.27 8.46 -3.31
C ASN A 69 -16.51 8.89 -1.88
N ILE A 70 -17.14 10.04 -1.68
CA ILE A 70 -17.43 10.47 -0.31
C ILE A 70 -18.81 9.95 0.11
N MET A 71 -19.13 10.10 1.39
CA MET A 71 -20.42 9.64 1.92
C MET A 71 -21.47 10.72 1.73
N LEU A 72 -22.75 10.33 1.86
CA LEU A 72 -23.84 11.26 1.72
C LEU A 72 -23.66 12.42 2.71
N ALA A 73 -23.35 12.06 3.95
CA ALA A 73 -23.17 13.05 5.02
C ALA A 73 -21.96 13.95 4.78
N ASP A 74 -20.99 13.48 4.02
CA ASP A 74 -19.80 14.27 3.72
C ASP A 74 -20.13 15.54 2.96
N TRP A 75 -21.32 15.59 2.38
CA TRP A 75 -21.74 16.76 1.62
C TRP A 75 -22.03 17.96 2.54
N ASP A 76 -21.99 17.74 3.85
CA ASP A 76 -22.22 18.84 4.77
C ASP A 76 -21.01 19.76 4.84
N ASP A 77 -19.83 19.21 4.58
CA ASP A 77 -18.60 19.99 4.64
C ASP A 77 -17.77 20.00 3.36
N HIS A 78 -18.10 19.17 2.39
CA HIS A 78 -17.28 19.15 1.17
C HIS A 78 -18.09 19.33 -0.10
N MET A 79 -17.40 19.78 -1.15
CA MET A 79 -18.02 19.99 -2.46
C MET A 79 -17.49 18.99 -3.47
N ASP A 80 -16.49 18.21 -3.07
CA ASP A 80 -15.93 17.18 -3.95
C ASP A 80 -15.10 16.15 -3.18
N TYR A 81 -14.63 15.14 -3.91
CA TYR A 81 -13.84 14.08 -3.31
C TYR A 81 -12.55 14.58 -2.66
N ILE A 82 -11.80 15.40 -3.38
CA ILE A 82 -10.53 15.90 -2.87
C ILE A 82 -10.70 16.77 -1.63
N GLY A 83 -11.82 17.47 -1.52
CA GLY A 83 -12.05 18.29 -0.35
C GLY A 83 -11.95 17.42 0.90
N TRP A 84 -12.37 16.16 0.76
CA TRP A 84 -12.32 15.20 1.86
C TRP A 84 -10.95 14.53 1.92
N ALA A 85 -10.53 13.98 0.79
CA ALA A 85 -9.26 13.25 0.68
C ALA A 85 -8.05 14.07 1.08
N LYS A 86 -8.06 15.37 0.82
CA LYS A 86 -6.91 16.19 1.15
C LYS A 86 -6.60 16.18 2.65
N ARG A 87 -7.63 15.97 3.47
CA ARG A 87 -7.48 15.95 4.92
C ARG A 87 -6.62 14.77 5.37
N TRP A 88 -6.90 13.57 4.89
CA TRP A 88 -6.08 12.44 5.29
C TRP A 88 -4.76 12.39 4.52
N LEU A 89 -4.71 13.03 3.35
CA LEU A 89 -3.45 13.05 2.60
C LEU A 89 -2.45 13.93 3.34
N ALA A 90 -2.92 15.07 3.86
CA ALA A 90 -2.05 15.97 4.60
C ALA A 90 -1.61 15.30 5.91
N GLU A 91 -2.54 14.61 6.56
CA GLU A 91 -2.25 13.92 7.80
C GLU A 91 -1.28 12.77 7.59
N ALA A 92 -1.42 12.08 6.46
CA ALA A 92 -0.54 10.96 6.14
C ALA A 92 0.89 11.45 5.95
N GLU A 93 1.04 12.59 5.30
CA GLU A 93 2.37 13.15 5.09
C GLU A 93 2.98 13.54 6.44
N ARG A 94 2.14 14.04 7.34
CA ARG A 94 2.60 14.47 8.65
C ARG A 94 3.15 13.34 9.51
N VAL A 95 2.46 12.20 9.54
CA VAL A 95 2.91 11.06 10.35
C VAL A 95 4.06 10.30 9.73
N LEU A 96 4.33 10.53 8.44
CA LEU A 96 5.44 9.83 7.78
C LEU A 96 6.78 10.41 8.19
N SER A 97 7.77 9.55 8.42
CA SER A 97 9.10 10.02 8.79
C SER A 97 9.79 10.62 7.57
N PRO A 98 10.92 11.31 7.77
CA PRO A 98 11.64 11.91 6.64
C PRO A 98 12.02 10.88 5.58
N THR A 99 12.22 9.65 6.01
CA THR A 99 12.59 8.58 5.10
C THR A 99 11.39 7.76 4.66
N GLY A 100 10.19 8.18 5.06
CA GLY A 100 8.98 7.43 4.74
C GLY A 100 8.34 7.65 3.38
N SER A 101 7.45 6.72 3.04
CA SER A 101 6.72 6.74 1.77
C SER A 101 5.27 6.29 1.94
N ILE A 102 4.46 6.63 0.94
CA ILE A 102 3.08 6.20 0.92
C ILE A 102 2.73 5.69 -0.48
N ALA A 103 2.13 4.51 -0.52
CA ALA A 103 1.72 3.90 -1.78
C ALA A 103 0.21 4.01 -1.89
N ILE A 104 -0.27 4.73 -2.91
CA ILE A 104 -1.72 4.90 -3.06
C ILE A 104 -2.29 4.15 -4.27
N PHE A 105 -3.19 3.21 -4.01
CA PHE A 105 -3.85 2.46 -5.08
C PHE A 105 -4.97 3.30 -5.67
N GLY A 106 -5.18 3.18 -6.98
CA GLY A 106 -6.24 3.93 -7.63
C GLY A 106 -6.27 3.69 -9.12
N GLY A 107 -7.37 4.07 -9.74
CA GLY A 107 -7.50 3.91 -11.18
C GLY A 107 -7.44 5.25 -11.88
N LEU A 108 -7.56 5.22 -13.20
CA LEU A 108 -7.52 6.43 -14.02
C LEU A 108 -8.79 6.50 -14.89
N GLN A 109 -9.87 5.91 -14.40
CA GLN A 109 -11.13 5.85 -15.13
C GLN A 109 -12.23 6.74 -14.56
N TYR A 110 -11.90 7.67 -13.66
CA TYR A 110 -12.92 8.54 -13.09
C TYR A 110 -13.84 9.07 -14.19
N GLN A 111 -15.15 9.04 -13.94
CA GLN A 111 -16.13 9.48 -14.94
C GLN A 111 -16.72 10.88 -14.70
N GLY A 112 -16.23 11.59 -13.69
CA GLY A 112 -16.73 12.93 -13.47
C GLY A 112 -17.90 13.05 -12.52
N GLU A 113 -18.31 11.97 -11.85
CA GLU A 113 -19.43 12.04 -10.92
C GLU A 113 -19.07 12.88 -9.69
N ALA A 114 -19.99 13.76 -9.31
CA ALA A 114 -19.80 14.62 -8.16
C ALA A 114 -19.60 13.81 -6.89
N GLY A 115 -18.54 14.11 -6.14
CA GLY A 115 -18.28 13.39 -4.91
C GLY A 115 -17.30 12.23 -5.08
N SER A 116 -16.99 11.89 -6.32
CA SER A 116 -16.05 10.81 -6.60
C SER A 116 -14.80 11.33 -7.30
N GLY A 117 -13.83 10.44 -7.48
CA GLY A 117 -12.61 10.80 -8.16
C GLY A 117 -11.75 9.58 -8.36
N ASP A 118 -10.49 9.76 -8.77
CA ASP A 118 -9.58 8.64 -8.94
C ASP A 118 -8.17 9.03 -8.56
N LEU A 119 -7.19 8.19 -8.90
CA LEU A 119 -5.82 8.48 -8.54
C LEU A 119 -5.33 9.78 -9.13
N ILE A 120 -5.82 10.14 -10.32
CA ILE A 120 -5.42 11.39 -10.96
C ILE A 120 -5.93 12.59 -10.16
N SER A 121 -7.11 12.45 -9.55
CA SER A 121 -7.65 13.54 -8.73
C SER A 121 -6.70 13.77 -7.56
N ILE A 122 -6.17 12.67 -7.04
CA ILE A 122 -5.23 12.75 -5.93
C ILE A 122 -3.88 13.30 -6.37
N ILE A 123 -3.36 12.80 -7.48
CA ILE A 123 -2.06 13.23 -7.96
C ILE A 123 -2.03 14.72 -8.29
N SER A 124 -3.04 15.22 -9.00
CA SER A 124 -3.09 16.65 -9.32
C SER A 124 -3.09 17.47 -8.03
N HIS A 125 -3.89 17.05 -7.06
CA HIS A 125 -3.94 17.75 -5.79
C HIS A 125 -2.55 17.79 -5.14
N MET A 126 -1.87 16.65 -5.13
CA MET A 126 -0.54 16.55 -4.53
C MET A 126 0.48 17.46 -5.21
N ARG A 127 0.44 17.53 -6.54
CA ARG A 127 1.36 18.38 -7.29
C ARG A 127 1.17 19.85 -6.94
N GLN A 128 -0.05 20.23 -6.59
CA GLN A 128 -0.33 21.60 -6.27
C GLN A 128 -0.14 21.96 -4.79
N ASN A 129 -0.35 21.00 -3.89
CA ASN A 129 -0.30 21.33 -2.47
C ASN A 129 0.68 20.54 -1.60
N SER A 130 1.40 19.58 -2.16
CA SER A 130 2.30 18.79 -1.33
C SER A 130 3.72 18.80 -1.87
N LYS A 131 4.69 18.74 -0.96
CA LYS A 131 6.10 18.71 -1.33
C LYS A 131 6.58 17.28 -1.52
N MET A 132 5.72 16.30 -1.29
CA MET A 132 6.13 14.93 -1.48
C MET A 132 6.51 14.67 -2.94
N LEU A 133 7.47 13.77 -3.14
CA LEU A 133 7.93 13.44 -4.46
C LEU A 133 7.27 12.19 -5.00
N LEU A 134 6.78 12.26 -6.23
CA LEU A 134 6.20 11.08 -6.86
C LEU A 134 7.37 10.27 -7.38
N ALA A 135 7.82 9.30 -6.58
CA ALA A 135 8.96 8.48 -6.95
C ALA A 135 8.64 7.52 -8.09
N ASN A 136 7.39 7.08 -8.18
CA ASN A 136 6.99 6.16 -9.25
C ASN A 136 5.48 6.09 -9.38
N LEU A 137 5.05 5.88 -10.62
CA LEU A 137 3.66 5.64 -10.93
C LEU A 137 3.70 4.20 -11.43
N ILE A 138 3.34 3.29 -10.54
CA ILE A 138 3.38 1.87 -10.81
C ILE A 138 2.11 1.37 -11.48
N ILE A 139 2.30 0.55 -12.51
CA ILE A 139 1.16 -0.03 -13.22
C ILE A 139 1.02 -1.48 -12.82
N TRP A 140 -0.11 -1.81 -12.21
CA TRP A 140 -0.42 -3.18 -11.83
C TRP A 140 -1.26 -3.77 -12.96
N ASN A 141 -0.60 -4.56 -13.80
CA ASN A 141 -1.23 -5.19 -14.96
C ASN A 141 -1.67 -6.62 -14.63
N TYR A 142 -2.96 -6.80 -14.42
CA TYR A 142 -3.49 -8.14 -14.11
C TYR A 142 -4.00 -8.82 -15.37
N PRO A 143 -3.80 -10.16 -15.48
CA PRO A 143 -4.17 -11.08 -16.57
C PRO A 143 -5.63 -11.12 -16.99
N ASN A 144 -6.53 -11.41 -16.06
CA ASN A 144 -7.94 -11.55 -16.40
C ASN A 144 -8.80 -10.37 -16.02
N GLY A 145 -10.01 -10.37 -16.57
CA GLY A 145 -10.97 -9.31 -16.31
C GLY A 145 -12.17 -9.41 -17.22
N MET A 146 -13.06 -8.43 -17.14
CA MET A 146 -14.24 -8.42 -17.98
C MET A 146 -13.86 -8.14 -19.43
N SER A 147 -14.78 -8.44 -20.34
CA SER A 147 -14.56 -8.19 -21.74
C SER A 147 -15.15 -6.83 -22.08
N ALA A 148 -14.98 -6.38 -23.32
CA ALA A 148 -15.52 -5.10 -23.75
C ALA A 148 -15.64 -5.10 -25.26
N GLN A 149 -16.75 -4.58 -25.76
CA GLN A 149 -16.98 -4.55 -27.19
C GLN A 149 -16.77 -3.15 -27.76
N ARG A 150 -16.89 -2.15 -26.89
CA ARG A 150 -16.77 -0.75 -27.30
C ARG A 150 -15.48 -0.06 -26.84
N PHE A 151 -14.51 -0.83 -26.38
CA PHE A 151 -13.24 -0.26 -25.96
C PHE A 151 -12.26 -1.35 -25.55
N PHE A 152 -11.04 -0.95 -25.21
CA PHE A 152 -10.03 -1.92 -24.81
C PHE A 152 -10.28 -2.41 -23.40
N ALA A 153 -10.47 -3.72 -23.26
CA ALA A 153 -10.74 -4.35 -21.96
C ALA A 153 -9.73 -3.88 -20.92
N ASN A 154 -10.24 -3.46 -19.76
CA ASN A 154 -9.39 -2.96 -18.70
C ASN A 154 -8.58 -4.05 -18.01
N ARG A 155 -7.26 -3.89 -18.02
CA ARG A 155 -6.38 -4.86 -17.39
C ARG A 155 -5.32 -4.19 -16.52
N HIS A 156 -5.62 -3.01 -16.00
CA HIS A 156 -4.65 -2.35 -15.14
C HIS A 156 -5.27 -1.47 -14.07
N GLU A 157 -4.48 -1.31 -13.02
CA GLU A 157 -4.80 -0.48 -11.86
C GLU A 157 -3.48 0.19 -11.51
N GLU A 158 -3.50 1.39 -10.94
CA GLU A 158 -2.23 2.06 -10.64
C GLU A 158 -1.90 2.12 -9.17
N ILE A 159 -0.63 2.43 -8.91
CA ILE A 159 -0.11 2.61 -7.57
C ILE A 159 0.82 3.83 -7.61
N ALA A 160 0.41 4.91 -6.96
CA ALA A 160 1.25 6.09 -6.91
C ALA A 160 2.11 6.04 -5.66
N TRP A 161 3.41 6.00 -5.85
CA TRP A 161 4.34 5.95 -4.74
C TRP A 161 4.94 7.33 -4.50
N PHE A 162 4.50 7.93 -3.40
CA PHE A 162 4.97 9.25 -2.98
C PHE A 162 5.94 9.10 -1.83
N ALA A 163 7.10 9.76 -1.94
CA ALA A 163 8.11 9.74 -0.90
C ALA A 163 8.08 11.11 -0.22
N LYS A 164 8.16 11.14 1.11
CA LYS A 164 8.12 12.41 1.82
C LYS A 164 9.29 13.30 1.44
N THR A 165 10.50 12.75 1.39
CA THR A 165 11.66 13.54 1.02
C THR A 165 12.55 12.74 0.09
N LYS A 166 13.62 13.37 -0.38
CA LYS A 166 14.56 12.71 -1.28
C LYS A 166 15.41 11.67 -0.57
N LYS A 167 15.31 11.62 0.77
CA LYS A 167 16.08 10.64 1.54
C LYS A 167 15.23 9.41 1.84
N TYR A 168 14.15 9.22 1.08
CA TYR A 168 13.29 8.07 1.31
C TYR A 168 14.10 6.79 1.31
N PHE A 169 13.60 5.79 2.02
CA PHE A 169 14.25 4.49 2.07
C PHE A 169 13.84 3.67 0.86
N PHE A 170 14.75 2.87 0.34
CA PHE A 170 14.44 2.01 -0.80
C PHE A 170 15.35 0.80 -0.81
N ASP A 171 14.75 -0.38 -0.77
CA ASP A 171 15.53 -1.61 -0.78
C ASP A 171 15.22 -2.38 -2.05
N LEU A 172 15.88 -1.98 -3.14
CA LEU A 172 15.69 -2.60 -4.44
C LEU A 172 16.04 -4.09 -4.41
N ASP A 173 17.21 -4.40 -3.82
CA ASP A 173 17.68 -5.79 -3.75
C ASP A 173 16.62 -6.72 -3.16
N ALA A 174 15.85 -6.23 -2.20
CA ALA A 174 14.82 -7.03 -1.56
C ALA A 174 13.68 -7.42 -2.52
N VAL A 175 13.55 -6.73 -3.66
CA VAL A 175 12.47 -7.05 -4.60
C VAL A 175 12.95 -7.38 -6.00
N ARG A 176 14.27 -7.46 -6.21
CA ARG A 176 14.79 -7.80 -7.53
C ARG A 176 14.30 -9.20 -7.91
N GLU A 177 14.16 -9.44 -9.20
CA GLU A 177 13.74 -10.74 -9.68
C GLU A 177 14.95 -11.49 -10.24
N PRO A 178 15.33 -12.61 -9.61
CA PRO A 178 16.48 -13.39 -10.06
C PRO A 178 16.33 -13.99 -11.46
N TYR A 179 17.46 -14.12 -12.14
CA TYR A 179 17.49 -14.72 -13.47
C TYR A 179 17.67 -16.22 -13.27
N ASP A 180 17.26 -17.02 -14.25
CA ASP A 180 17.46 -18.46 -14.12
C ASP A 180 18.96 -18.73 -14.25
N GLU A 181 19.39 -19.93 -13.88
CA GLU A 181 20.82 -20.27 -13.94
C GLU A 181 21.38 -20.15 -15.35
N GLU A 182 20.60 -20.58 -16.34
CA GLU A 182 21.04 -20.53 -17.72
C GLU A 182 21.30 -19.08 -18.15
N THR A 183 20.27 -18.24 -18.02
CA THR A 183 20.37 -16.82 -18.39
C THR A 183 21.39 -16.09 -17.53
N LYS A 184 21.46 -16.44 -16.26
CA LYS A 184 22.41 -15.82 -15.36
C LYS A 184 23.85 -16.18 -15.77
N ALA A 185 24.01 -17.37 -16.33
CA ALA A 185 25.32 -17.85 -16.78
C ALA A 185 25.73 -17.14 -18.06
N ALA A 186 24.76 -16.85 -18.91
CA ALA A 186 25.03 -16.17 -20.17
C ALA A 186 25.51 -14.75 -19.86
N TYR A 187 24.80 -14.07 -18.96
CA TYR A 187 25.15 -12.70 -18.59
C TYR A 187 26.51 -12.65 -17.89
N MET A 188 26.83 -13.69 -17.13
CA MET A 188 28.08 -13.74 -16.41
C MET A 188 29.27 -13.85 -17.37
N LYS A 189 29.01 -14.36 -18.57
CA LYS A 189 30.07 -14.49 -19.57
C LYS A 189 30.24 -13.19 -20.34
N ASP A 190 29.24 -12.31 -20.24
CA ASP A 190 29.29 -11.01 -20.91
C ASP A 190 30.00 -10.02 -20.00
N LYS A 191 31.30 -9.84 -20.22
CA LYS A 191 32.09 -8.94 -19.37
C LYS A 191 31.68 -7.47 -19.48
N ARG A 192 30.78 -7.15 -20.41
CA ARG A 192 30.31 -5.77 -20.54
C ARG A 192 29.33 -5.49 -19.38
N LEU A 193 28.82 -6.56 -18.79
CA LEU A 193 27.84 -6.49 -17.72
C LEU A 193 28.46 -6.64 -16.33
N ASN A 194 27.95 -5.87 -15.37
CA ASN A 194 28.42 -5.94 -14.00
C ASN A 194 27.90 -7.24 -13.38
N PRO A 195 28.81 -8.16 -13.01
CA PRO A 195 28.44 -9.44 -12.40
C PRO A 195 27.59 -9.31 -11.13
N GLU A 196 27.78 -8.24 -10.38
CA GLU A 196 27.02 -8.01 -9.16
C GLU A 196 25.53 -7.83 -9.49
N SER A 197 25.26 -6.97 -10.45
CA SER A 197 23.89 -6.70 -10.87
C SER A 197 23.22 -7.99 -11.33
N VAL A 198 23.99 -8.85 -11.99
CA VAL A 198 23.47 -10.10 -12.50
C VAL A 198 23.04 -11.04 -11.38
N GLU A 199 23.92 -11.29 -10.43
CA GLU A 199 23.58 -12.20 -9.34
C GLU A 199 22.47 -11.65 -8.45
N LYS A 200 22.36 -10.33 -8.33
CA LYS A 200 21.33 -9.73 -7.51
C LYS A 200 19.94 -9.77 -8.19
N GLY A 201 19.92 -9.93 -9.51
CA GLY A 201 18.65 -9.99 -10.21
C GLY A 201 18.27 -8.68 -10.86
N ARG A 202 17.12 -8.66 -11.53
CA ARG A 202 16.72 -7.44 -12.21
C ARG A 202 15.67 -6.61 -11.47
N ASN A 203 15.72 -5.31 -11.75
CA ASN A 203 14.76 -4.38 -11.19
C ASN A 203 13.39 -4.90 -11.66
N PRO A 204 12.40 -4.95 -10.77
CA PRO A 204 11.12 -5.46 -11.27
C PRO A 204 10.40 -4.48 -12.19
N THR A 205 10.94 -3.27 -12.31
CA THR A 205 10.37 -2.19 -13.14
C THR A 205 9.10 -1.63 -12.52
N ASN A 206 8.52 -0.58 -13.11
CA ASN A 206 7.29 0.01 -12.58
C ASN A 206 6.02 -0.53 -13.24
N VAL A 207 6.13 -1.72 -13.84
CA VAL A 207 4.98 -2.40 -14.42
C VAL A 207 5.00 -3.80 -13.85
N TRP A 208 4.06 -4.09 -12.96
CA TRP A 208 4.01 -5.39 -12.32
C TRP A 208 2.89 -6.24 -12.87
N ARG A 209 3.26 -7.39 -13.43
CA ARG A 209 2.27 -8.31 -13.96
C ARG A 209 1.95 -9.32 -12.87
N MET A 210 0.88 -9.03 -12.13
CA MET A 210 0.47 -9.89 -11.04
C MET A 210 -1.04 -10.11 -11.08
N SER A 211 -1.47 -11.27 -10.62
CA SER A 211 -2.88 -11.60 -10.64
C SER A 211 -3.63 -11.03 -9.44
N ARG A 212 -4.91 -10.75 -9.67
CA ARG A 212 -5.77 -10.28 -8.60
C ARG A 212 -6.27 -11.54 -7.92
N LEU A 213 -7.01 -11.40 -6.83
CA LEU A 213 -7.53 -12.57 -6.16
C LEU A 213 -8.82 -13.01 -6.86
N ASN A 214 -9.02 -14.32 -6.94
CA ASN A 214 -10.24 -14.84 -7.54
C ASN A 214 -11.19 -15.26 -6.43
N GLY A 215 -12.42 -15.58 -6.80
CA GLY A 215 -13.42 -15.98 -5.81
C GLY A 215 -13.10 -17.24 -5.03
N ASN A 216 -12.13 -18.02 -5.52
CA ASN A 216 -11.76 -19.26 -4.84
C ASN A 216 -10.37 -19.16 -4.22
N SER A 217 -9.82 -17.95 -4.18
CA SER A 217 -8.49 -17.75 -3.62
C SER A 217 -8.43 -18.20 -2.16
N LEU A 218 -7.27 -18.69 -1.74
CA LEU A 218 -7.05 -19.16 -0.38
C LEU A 218 -7.07 -18.03 0.64
N GLU A 219 -6.45 -16.90 0.29
CA GLU A 219 -6.36 -15.79 1.21
C GLU A 219 -7.63 -14.92 1.29
N ARG A 220 -8.67 -15.28 0.52
CA ARG A 220 -9.91 -14.49 0.53
C ARG A 220 -10.59 -14.50 1.92
N VAL A 221 -11.04 -13.34 2.36
CA VAL A 221 -11.72 -13.23 3.66
C VAL A 221 -13.16 -12.76 3.50
N GLY A 222 -13.52 -12.28 2.31
CA GLY A 222 -14.89 -11.82 2.10
C GLY A 222 -15.00 -10.39 1.59
N HIS A 223 -13.97 -9.58 1.84
CA HIS A 223 -13.95 -8.19 1.40
C HIS A 223 -14.00 -8.09 -0.12
N PRO A 224 -14.92 -7.27 -0.66
CA PRO A 224 -15.10 -7.08 -2.11
C PRO A 224 -13.87 -6.55 -2.86
N THR A 225 -13.03 -5.75 -2.21
CA THR A 225 -11.85 -5.22 -2.89
C THR A 225 -10.54 -5.71 -2.27
N GLN A 226 -10.55 -6.92 -1.74
CA GLN A 226 -9.35 -7.47 -1.12
C GLN A 226 -8.18 -7.50 -2.10
N LYS A 227 -7.04 -6.97 -1.66
CA LYS A 227 -5.84 -6.94 -2.49
C LYS A 227 -4.96 -8.15 -2.15
N PRO A 228 -4.24 -8.70 -3.15
CA PRO A 228 -3.38 -9.86 -2.91
C PRO A 228 -2.12 -9.53 -2.11
N ALA A 229 -1.75 -10.44 -1.22
CA ALA A 229 -0.56 -10.25 -0.40
C ALA A 229 0.67 -10.00 -1.25
N ALA A 230 0.72 -10.62 -2.43
CA ALA A 230 1.86 -10.46 -3.34
C ALA A 230 2.17 -9.01 -3.65
N VAL A 231 1.14 -8.21 -3.97
CA VAL A 231 1.37 -6.81 -4.31
C VAL A 231 1.82 -6.00 -3.08
N ILE A 232 1.15 -6.19 -1.96
CA ILE A 232 1.49 -5.50 -0.71
C ILE A 232 2.91 -5.86 -0.25
N GLU A 233 3.27 -7.13 -0.39
CA GLU A 233 4.59 -7.63 -0.02
C GLU A 233 5.70 -6.88 -0.74
N ARG A 234 5.52 -6.65 -2.03
CA ARG A 234 6.53 -5.96 -2.80
C ARG A 234 6.69 -4.53 -2.30
N LEU A 235 5.57 -3.90 -1.95
CA LEU A 235 5.59 -2.54 -1.44
C LEU A 235 6.27 -2.49 -0.08
N VAL A 236 5.92 -3.44 0.79
CA VAL A 236 6.50 -3.48 2.12
C VAL A 236 7.99 -3.77 2.12
N ARG A 237 8.43 -4.70 1.28
CA ARG A 237 9.84 -5.07 1.23
C ARG A 237 10.72 -3.97 0.66
N ALA A 238 10.21 -3.26 -0.34
CA ALA A 238 10.99 -2.21 -0.99
C ALA A 238 10.88 -0.84 -0.33
N LEU A 239 9.76 -0.54 0.33
CA LEU A 239 9.59 0.79 0.89
C LEU A 239 9.69 0.94 2.40
N SER A 240 10.06 -0.13 3.11
CA SER A 240 10.21 -0.04 4.56
C SER A 240 11.28 -0.99 5.03
N HIS A 241 11.94 -0.63 6.13
CA HIS A 241 12.98 -1.50 6.67
C HIS A 241 12.43 -2.37 7.79
N PRO A 242 13.11 -3.47 8.12
CA PRO A 242 12.67 -4.39 9.18
C PRO A 242 12.47 -3.67 10.51
N GLY A 243 11.43 -4.04 11.24
CA GLY A 243 11.18 -3.41 12.51
C GLY A 243 10.50 -2.04 12.40
N SER A 244 10.33 -1.52 11.18
CA SER A 244 9.69 -0.21 11.03
C SER A 244 8.17 -0.37 11.05
N THR A 245 7.46 0.75 11.16
CA THR A 245 6.01 0.75 11.23
C THR A 245 5.30 0.97 9.90
N VAL A 246 4.40 0.05 9.57
CA VAL A 246 3.58 0.13 8.38
C VAL A 246 2.16 0.50 8.82
N LEU A 247 1.60 1.55 8.22
CA LEU A 247 0.26 2.04 8.57
C LEU A 247 -0.73 1.89 7.40
N ASP A 248 -1.95 1.49 7.74
CA ASP A 248 -3.01 1.33 6.75
C ASP A 248 -4.33 1.76 7.38
N PHE A 249 -4.82 2.96 7.05
CA PHE A 249 -6.07 3.46 7.65
C PHE A 249 -7.35 3.18 6.87
N PHE A 250 -7.23 2.37 5.82
CA PHE A 250 -8.36 1.89 5.01
C PHE A 250 -8.04 0.40 4.82
N ALA A 251 -7.64 -0.24 5.92
CA ALA A 251 -7.18 -1.63 5.95
C ALA A 251 -8.04 -2.67 5.22
N GLY A 252 -9.35 -2.47 5.17
CA GLY A 252 -10.21 -3.42 4.47
C GLY A 252 -10.16 -4.86 4.95
N SER A 253 -9.41 -5.70 4.23
CA SER A 253 -9.30 -7.11 4.58
C SER A 253 -8.24 -7.36 5.64
N GLY A 254 -7.40 -6.35 5.87
CA GLY A 254 -6.35 -6.46 6.87
C GLY A 254 -5.11 -7.14 6.32
N VAL A 255 -5.04 -7.31 5.01
CA VAL A 255 -3.91 -7.96 4.37
C VAL A 255 -2.57 -7.32 4.75
N THR A 256 -2.58 -6.02 5.01
CA THR A 256 -1.35 -5.32 5.36
C THR A 256 -0.72 -5.86 6.65
N ALA A 257 -1.53 -6.12 7.66
CA ALA A 257 -1.00 -6.63 8.92
C ALA A 257 -0.40 -8.02 8.70
N ARG A 258 -1.08 -8.83 7.90
CA ARG A 258 -0.59 -10.17 7.61
C ARG A 258 0.78 -10.10 6.97
N VAL A 259 0.92 -9.23 5.98
CA VAL A 259 2.19 -9.04 5.28
C VAL A 259 3.25 -8.49 6.21
N ALA A 260 2.88 -7.50 7.02
CA ALA A 260 3.80 -6.88 7.95
C ALA A 260 4.38 -7.92 8.90
N ILE A 261 3.50 -8.76 9.44
CA ILE A 261 3.92 -9.82 10.35
C ILE A 261 4.88 -10.78 9.66
N GLN A 262 4.53 -11.23 8.46
CA GLN A 262 5.37 -12.15 7.69
C GLN A 262 6.71 -11.54 7.30
N GLU A 263 6.74 -10.22 7.14
CA GLU A 263 7.96 -9.53 6.72
C GLU A 263 8.80 -8.93 7.86
N GLY A 264 8.35 -9.06 9.10
CA GLY A 264 9.14 -8.53 10.21
C GLY A 264 8.97 -7.04 10.46
N ARG A 265 7.84 -6.47 10.08
CA ARG A 265 7.58 -5.06 10.32
C ARG A 265 6.49 -4.93 11.37
N ASN A 266 6.35 -3.75 11.94
CA ASN A 266 5.28 -3.50 12.90
C ASN A 266 4.14 -2.93 12.10
N SER A 267 2.92 -2.92 12.63
CA SER A 267 1.85 -2.37 11.83
C SER A 267 0.67 -1.87 12.63
N ILE A 268 -0.03 -0.92 12.01
CA ILE A 268 -1.24 -0.32 12.55
C ILE A 268 -2.27 -0.38 11.42
N CYS A 269 -3.35 -1.12 11.64
CA CYS A 269 -4.40 -1.25 10.62
C CYS A 269 -5.76 -0.89 11.18
N THR A 270 -6.43 0.07 10.54
CA THR A 270 -7.76 0.47 10.95
C THR A 270 -8.66 0.65 9.73
N ASP A 271 -9.96 0.45 9.95
CA ASP A 271 -10.97 0.59 8.92
C ASP A 271 -12.25 1.03 9.62
N ALA A 272 -13.10 1.79 8.93
CA ALA A 272 -14.33 2.28 9.53
C ALA A 272 -15.42 1.22 9.65
N ALA A 273 -15.33 0.17 8.84
CA ALA A 273 -16.34 -0.90 8.85
C ALA A 273 -16.10 -1.92 9.96
N PRO A 274 -17.10 -2.10 10.84
CA PRO A 274 -17.03 -3.05 11.96
C PRO A 274 -16.55 -4.44 11.52
N VAL A 275 -17.02 -4.87 10.36
CA VAL A 275 -16.66 -6.19 9.85
C VAL A 275 -15.14 -6.34 9.70
N PHE A 276 -14.42 -5.24 9.71
CA PHE A 276 -12.97 -5.26 9.60
C PHE A 276 -12.35 -6.19 10.64
N LYS A 277 -12.88 -6.15 11.86
CA LYS A 277 -12.36 -6.99 12.93
C LYS A 277 -12.39 -8.48 12.56
N GLU A 278 -13.47 -8.91 11.92
CA GLU A 278 -13.60 -10.31 11.49
C GLU A 278 -12.55 -10.66 10.45
N TYR A 279 -12.30 -9.75 9.51
CA TYR A 279 -11.31 -9.99 8.48
C TYR A 279 -9.90 -10.06 9.04
N TYR A 280 -9.59 -9.12 9.93
CA TYR A 280 -8.27 -9.08 10.55
C TYR A 280 -8.01 -10.41 11.25
N GLN A 281 -8.97 -10.86 12.03
CA GLN A 281 -8.86 -12.12 12.74
C GLN A 281 -8.66 -13.26 11.77
N LYS A 282 -9.29 -13.16 10.61
CA LYS A 282 -9.18 -14.19 9.58
C LYS A 282 -7.76 -14.17 9.02
N GLN A 283 -7.26 -12.97 8.75
CA GLN A 283 -5.91 -12.82 8.23
C GLN A 283 -4.91 -13.56 9.12
N LEU A 284 -5.12 -13.46 10.43
CA LEU A 284 -4.25 -14.11 11.39
C LEU A 284 -4.25 -15.62 11.25
N THR A 285 -5.41 -16.22 10.98
CA THR A 285 -5.48 -17.67 10.84
C THR A 285 -4.63 -18.14 9.66
N PHE A 286 -4.40 -17.26 8.69
CA PHE A 286 -3.59 -17.62 7.54
C PHE A 286 -2.11 -17.67 7.91
N LEU A 287 -1.80 -17.19 9.12
CA LEU A 287 -0.42 -17.19 9.60
C LEU A 287 -0.08 -18.51 10.28
N ARG A 297 8.67 -17.27 14.42
CA ARG A 297 8.15 -15.93 14.16
C ARG A 297 7.56 -15.35 15.44
N SER A 298 8.03 -14.16 15.83
CA SER A 298 7.55 -13.54 17.04
C SER A 298 6.81 -12.23 16.78
N TYR A 299 5.55 -12.18 17.16
CA TYR A 299 4.74 -10.98 16.99
C TYR A 299 3.60 -10.95 17.98
N GLU A 300 3.18 -9.73 18.30
CA GLU A 300 2.11 -9.53 19.25
C GLU A 300 0.96 -8.76 18.59
N ILE A 301 -0.26 -9.22 18.81
CA ILE A 301 -1.44 -8.56 18.26
C ILE A 301 -2.12 -7.79 19.39
N VAL A 302 -2.43 -6.52 19.15
CA VAL A 302 -3.09 -5.71 20.18
C VAL A 302 -4.25 -4.92 19.60
N GLU A 303 -5.43 -5.07 20.20
CA GLU A 303 -6.60 -4.35 19.75
C GLU A 303 -6.72 -2.99 20.45
N GLY A 304 -7.28 -2.01 19.77
CA GLY A 304 -7.49 -0.71 20.39
C GLY A 304 -6.57 0.41 19.95
N ALA A 305 -7.18 1.49 19.48
CA ALA A 305 -6.47 2.68 19.03
C ALA A 305 -5.64 3.27 20.17
N ALA A 306 -6.05 3.01 21.40
CA ALA A 306 -5.32 3.52 22.56
C ALA A 306 -3.95 2.87 22.68
N ASN A 307 -3.73 1.81 21.90
CA ASN A 307 -2.46 1.09 21.96
C ASN A 307 -1.60 1.26 20.72
N PHE A 308 -1.87 2.30 19.93
CA PHE A 308 -1.09 2.52 18.71
C PHE A 308 0.41 2.54 19.01
N GLY A 309 0.78 3.14 20.13
CA GLY A 309 2.18 3.25 20.51
C GLY A 309 2.94 1.93 20.48
N ALA A 310 2.27 0.85 20.83
CA ALA A 310 2.90 -0.47 20.84
C ALA A 310 3.56 -0.78 19.50
N ALA A 311 2.95 -0.31 18.41
CA ALA A 311 3.48 -0.56 17.07
C ALA A 311 4.40 0.55 16.57
N LEU A 312 4.45 1.68 17.27
CA LEU A 312 5.31 2.77 16.87
C LEU A 312 6.73 2.59 17.41
N GLN A 313 6.84 1.85 18.51
CA GLN A 313 8.14 1.59 19.10
C GLN A 313 9.01 0.78 18.15
N ARG A 314 10.27 1.19 17.97
CA ARG A 314 11.17 0.49 17.07
C ARG A 314 11.50 -0.90 17.58
#